data_1Y2I
#
_entry.id   1Y2I
#
_cell.length_a   56.918
_cell.length_b   79.200
_cell.length_c   109.620
_cell.angle_alpha   90.00
_cell.angle_beta   90.00
_cell.angle_gamma   90.00
#
_symmetry.space_group_name_H-M   'P 21 21 21'
#
loop_
_entity.id
_entity.type
_entity.pdbx_description
1 polymer 'Hypothetical Protein S0862'
2 water water
#
_entity_poly.entity_id   1
_entity_poly.type   'polypeptide(L)'
_entity_poly.pdbx_seq_one_letter_code
;MHHHHHHSSGVDLGTENLYFQSNA(MSE)QFSTTPTLEGLTIVEYCGVVTGEAILGANIFRDFFAGIRDIVGGRSGAYEK
ELRKAREIAFEELGSQARALGADAVVGIDIDYETVGQNGS(MSE)L(MSE)VSVSGTAVKTRRNI
;
_entity_poly.pdbx_strand_id   A,B,C,D,E
#
# COMPACT_ATOMS: atom_id res chain seq x y z
N MSE A 25 -10.65 -6.71 22.42
CA MSE A 25 -10.46 -6.39 20.96
C MSE A 25 -8.98 -6.25 20.53
O MSE A 25 -8.30 -5.31 20.93
CB MSE A 25 -11.25 -5.12 20.59
CG MSE A 25 -11.18 -4.74 19.12
SE MSE A 25 -12.27 -5.86 17.89
CE MSE A 25 -14.02 -5.83 18.87
N GLN A 26 -8.51 -7.18 19.72
CA GLN A 26 -7.14 -7.19 19.19
C GLN A 26 -7.05 -6.68 17.74
N PHE A 27 -6.04 -5.86 17.50
CA PHE A 27 -5.83 -5.24 16.20
C PHE A 27 -4.45 -5.62 15.72
N SER A 28 -4.36 -6.19 14.52
CA SER A 28 -3.05 -6.52 13.95
C SER A 28 -2.97 -6.26 12.45
N THR A 29 -1.81 -5.76 11.99
CA THR A 29 -1.49 -5.76 10.55
C THR A 29 -1.05 -7.12 9.98
N THR A 30 -0.87 -8.13 10.84
CA THR A 30 -0.54 -9.47 10.34
C THR A 30 -1.81 -10.23 10.02
N PRO A 31 -1.72 -11.16 9.07
CA PRO A 31 -2.87 -11.96 8.68
C PRO A 31 -3.30 -13.00 9.74
N THR A 32 -2.37 -13.59 10.48
CA THR A 32 -2.73 -14.56 11.52
C THR A 32 -2.21 -14.09 12.89
N LEU A 33 -2.76 -14.70 13.94
CA LEU A 33 -2.25 -14.49 15.29
C LEU A 33 -1.68 -15.80 15.84
N GLU A 34 -0.35 -15.86 15.91
CA GLU A 34 0.34 -16.95 16.57
C GLU A 34 -0.22 -17.14 17.97
N GLY A 35 -0.52 -18.40 18.30
CA GLY A 35 -1.08 -18.75 19.60
C GLY A 35 -2.58 -18.87 19.56
N LEU A 36 -3.20 -18.33 18.51
CA LEU A 36 -4.65 -18.39 18.33
C LEU A 36 -4.97 -19.07 17.03
N THR A 37 -6.25 -19.43 16.87
CA THR A 37 -6.82 -19.95 15.63
C THR A 37 -8.03 -19.10 15.30
N ILE A 38 -8.10 -18.62 14.06
CA ILE A 38 -9.31 -17.96 13.56
C ILE A 38 -10.33 -19.03 13.19
N VAL A 39 -11.51 -18.94 13.80
CA VAL A 39 -12.57 -19.95 13.65
C VAL A 39 -13.70 -19.43 12.74
N GLU A 40 -13.74 -18.11 12.53
CA GLU A 40 -14.71 -17.48 11.62
C GLU A 40 -14.13 -16.17 11.07
N TYR A 41 -14.25 -15.99 9.75
CA TYR A 41 -13.96 -14.74 9.03
C TYR A 41 -15.23 -14.00 8.79
N CYS A 42 -15.29 -12.78 9.30
CA CYS A 42 -16.55 -12.05 9.29
C CYS A 42 -16.59 -10.87 8.31
N GLY A 43 -15.66 -10.82 7.38
CA GLY A 43 -15.69 -9.76 6.38
C GLY A 43 -14.77 -8.58 6.63
N VAL A 44 -14.60 -7.78 5.59
CA VAL A 44 -13.80 -6.56 5.66
C VAL A 44 -14.50 -5.47 6.46
N VAL A 45 -13.75 -4.84 7.37
CA VAL A 45 -14.23 -3.68 8.14
C VAL A 45 -13.33 -2.46 7.86
N THR A 46 -13.87 -1.25 8.03
CA THR A 46 -13.09 -0.02 7.86
C THR A 46 -13.39 1.03 8.94
N GLY A 47 -12.53 2.02 9.03
CA GLY A 47 -12.75 3.17 9.86
C GLY A 47 -11.96 4.31 9.28
N GLU A 48 -12.39 5.54 9.53
CA GLU A 48 -11.65 6.68 9.01
C GLU A 48 -11.99 7.96 9.75
N ALA A 49 -11.16 8.95 9.51
CA ALA A 49 -11.30 10.28 10.08
C ALA A 49 -10.61 11.22 9.13
N ILE A 50 -11.18 12.41 9.02
CA ILE A 50 -10.65 13.47 8.19
C ILE A 50 -10.25 14.62 9.08
N LEU A 51 -9.07 15.13 8.80
CA LEU A 51 -8.50 16.27 9.49
C LEU A 51 -8.74 17.47 8.57
N GLY A 52 -9.50 18.45 9.05
CA GLY A 52 -9.89 19.63 8.29
C GLY A 52 -8.74 20.58 8.03
N ALA A 53 -8.91 21.47 7.06
CA ALA A 53 -7.89 22.47 6.67
C ALA A 53 -7.40 23.37 7.84
N ASN A 54 -8.34 23.77 8.71
CA ASN A 54 -7.99 24.57 9.88
C ASN A 54 -6.91 23.92 10.75
N ILE A 55 -7.05 22.61 10.99
CA ILE A 55 -6.08 21.86 11.78
C ILE A 55 -4.77 21.84 11.01
N PHE A 56 -4.89 21.67 9.69
CA PHE A 56 -3.71 21.68 8.82
C PHE A 56 -2.90 22.99 8.86
N ARG A 57 -3.60 24.11 8.71
CA ARG A 57 -2.96 25.43 8.80
C ARG A 57 -2.38 25.67 10.19
N ASP A 58 -3.07 25.20 11.24
CA ASP A 58 -2.58 25.36 12.62
C ASP A 58 -1.39 24.51 13.04
N PHE A 59 -1.34 23.26 12.58
CA PHE A 59 -0.33 22.29 13.05
C PHE A 59 0.70 21.80 12.03
N PHE A 60 0.38 21.85 10.73
CA PHE A 60 1.19 21.23 9.69
C PHE A 60 1.91 22.26 8.78
N ALA A 61 1.17 23.30 8.37
CA ALA A 61 1.67 24.31 7.43
C ALA A 61 2.99 25.03 7.83
N GLY A 62 3.20 25.23 9.13
CA GLY A 62 4.36 25.96 9.60
C GLY A 62 5.64 25.16 9.79
N ILE A 63 5.61 23.86 9.49
CA ILE A 63 6.77 23.01 9.81
C ILE A 63 8.01 23.40 9.01
N ARG A 64 9.11 23.57 9.72
CA ARG A 64 10.41 23.81 9.13
C ARG A 64 11.30 22.60 9.43
N ASP A 65 12.18 22.26 8.49
CA ASP A 65 13.11 21.15 8.67
C ASP A 65 12.35 19.80 8.85
N ILE A 66 12.84 18.94 9.75
CA ILE A 66 12.27 17.62 9.93
C ILE A 66 11.80 17.48 11.35
N VAL A 67 10.49 17.36 11.50
CA VAL A 67 9.89 17.21 12.80
C VAL A 67 9.22 15.86 12.90
N GLY A 68 9.63 15.10 13.92
CA GLY A 68 9.12 13.77 14.20
C GLY A 68 7.87 13.83 15.05
N GLY A 69 7.04 12.79 14.98
CA GLY A 69 5.83 12.76 15.77
C GLY A 69 6.05 12.85 17.28
N ARG A 70 7.25 12.49 17.76
CA ARG A 70 7.51 12.52 19.19
C ARG A 70 7.49 13.93 19.78
N SER A 71 8.01 14.89 19.04
CA SER A 71 7.98 16.27 19.51
C SER A 71 6.97 17.18 18.80
N GLY A 72 6.61 16.82 17.56
CA GLY A 72 5.72 17.65 16.78
C GLY A 72 4.29 17.64 17.28
N ALA A 73 3.74 18.84 17.43
CA ALA A 73 2.39 19.02 17.91
C ALA A 73 1.35 18.46 16.94
N TYR A 74 1.63 18.44 15.63
CA TYR A 74 0.74 17.85 14.63
C TYR A 74 0.39 16.37 14.96
N GLU A 75 1.35 15.69 15.57
CA GLU A 75 1.21 14.28 15.90
C GLU A 75 0.09 14.00 16.89
N LYS A 76 -0.18 14.97 17.76
CA LYS A 76 -1.33 14.87 18.67
C LYS A 76 -2.59 14.81 17.82
N GLU A 77 -2.61 15.52 16.71
CA GLU A 77 -3.78 15.55 15.86
C GLU A 77 -3.90 14.25 15.10
N LEU A 78 -2.79 13.77 14.52
CA LEU A 78 -2.80 12.49 13.83
C LEU A 78 -3.23 11.37 14.76
N ARG A 79 -2.66 11.30 15.96
CA ARG A 79 -3.01 10.21 16.88
C ARG A 79 -4.47 10.23 17.29
N LYS A 80 -5.03 11.43 17.46
CA LYS A 80 -6.48 11.61 17.64
C LYS A 80 -7.25 11.12 16.39
N ALA A 81 -6.77 11.47 15.20
CA ALA A 81 -7.40 10.98 13.96
C ALA A 81 -7.37 9.44 13.91
N ARG A 82 -6.20 8.83 14.13
CA ARG A 82 -6.10 7.38 14.04
C ARG A 82 -7.02 6.72 15.06
N GLU A 83 -6.98 7.23 16.28
CA GLU A 83 -7.78 6.68 17.36
C GLU A 83 -9.28 6.63 17.02
N ILE A 84 -9.79 7.72 16.45
CA ILE A 84 -11.15 7.73 15.94
C ILE A 84 -11.34 6.68 14.83
N ALA A 85 -10.40 6.58 13.91
CA ALA A 85 -10.51 5.57 12.85
C ALA A 85 -10.59 4.14 13.41
N PHE A 86 -9.69 3.79 14.35
CA PHE A 86 -9.69 2.48 15.03
C PHE A 86 -10.93 2.21 15.87
N GLU A 87 -11.47 3.25 16.49
CA GLU A 87 -12.75 3.16 17.23
C GLU A 87 -13.88 2.68 16.34
N GLU A 88 -13.98 3.28 15.16
CA GLU A 88 -14.99 2.91 14.17
C GLU A 88 -14.75 1.48 13.68
N LEU A 89 -13.49 1.15 13.45
CA LEU A 89 -13.11 -0.13 12.88
C LEU A 89 -13.50 -1.25 13.87
N GLY A 90 -13.13 -1.06 15.12
CA GLY A 90 -13.46 -2.00 16.18
C GLY A 90 -14.94 -2.07 16.52
N SER A 91 -15.63 -0.95 16.45
CA SER A 91 -17.09 -0.99 16.64
C SER A 91 -17.81 -1.72 15.49
N GLN A 92 -17.40 -1.48 14.26
CA GLN A 92 -17.87 -2.30 13.15
C GLN A 92 -17.63 -3.81 13.39
N ALA A 93 -16.44 -4.15 13.85
CA ALA A 93 -16.11 -5.55 14.12
C ALA A 93 -16.96 -6.09 15.28
N ARG A 94 -17.20 -5.25 16.29
CA ARG A 94 -17.99 -5.62 17.44
C ARG A 94 -19.37 -6.08 17.02
N ALA A 95 -19.97 -5.34 16.09
CA ALA A 95 -21.36 -5.59 15.67
C ALA A 95 -21.52 -6.86 14.87
N LEU A 96 -20.43 -7.29 14.23
CA LEU A 96 -20.41 -8.50 13.42
C LEU A 96 -20.22 -9.75 14.27
N GLY A 97 -19.86 -9.54 15.53
CA GLY A 97 -19.69 -10.60 16.50
C GLY A 97 -18.22 -11.00 16.60
N ALA A 98 -17.33 -10.21 16.01
CA ALA A 98 -15.90 -10.51 15.97
C ALA A 98 -15.18 -10.09 17.24
N ASP A 99 -14.03 -10.72 17.50
CA ASP A 99 -13.18 -10.25 18.61
C ASP A 99 -11.78 -9.74 18.20
N ALA A 100 -11.42 -9.84 16.92
CA ALA A 100 -10.20 -9.24 16.41
C ALA A 100 -10.37 -8.69 15.00
N VAL A 101 -9.47 -7.80 14.61
CA VAL A 101 -9.35 -7.31 13.25
C VAL A 101 -7.91 -7.56 12.84
N VAL A 102 -7.76 -8.39 11.82
CA VAL A 102 -6.47 -8.83 11.34
C VAL A 102 -6.20 -8.31 9.90
N GLY A 103 -4.95 -8.43 9.45
CA GLY A 103 -4.53 -7.95 8.14
C GLY A 103 -4.86 -6.48 7.97
N ILE A 104 -4.53 -5.67 8.96
CA ILE A 104 -4.92 -4.26 8.95
C ILE A 104 -3.99 -3.43 8.10
N ASP A 105 -4.58 -2.51 7.35
CA ASP A 105 -3.84 -1.48 6.63
C ASP A 105 -4.22 -0.10 7.10
N ILE A 106 -3.24 0.78 7.29
CA ILE A 106 -3.48 2.19 7.57
C ILE A 106 -3.00 3.10 6.43
N ASP A 107 -3.88 3.96 5.95
CA ASP A 107 -3.47 4.84 4.86
C ASP A 107 -3.78 6.31 5.06
N TYR A 108 -2.94 7.16 4.51
CA TYR A 108 -3.16 8.59 4.55
C TYR A 108 -3.29 9.11 3.15
N GLU A 109 -4.33 9.89 2.92
CA GLU A 109 -4.50 10.52 1.63
C GLU A 109 -4.75 12.02 1.88
N THR A 110 -4.01 12.87 1.19
CA THR A 110 -4.29 14.30 1.18
C THR A 110 -5.42 14.53 0.19
N VAL A 111 -6.41 15.30 0.60
CA VAL A 111 -7.54 15.61 -0.28
C VAL A 111 -7.89 17.12 -0.29
N GLY A 112 -8.62 17.54 -1.32
CA GLY A 112 -9.11 18.91 -1.41
C GLY A 112 -8.34 19.85 -2.32
N GLN A 113 -8.82 21.08 -2.46
CA GLN A 113 -8.28 22.06 -3.43
C GLN A 113 -6.86 22.55 -3.10
N ASN A 114 -6.53 22.54 -1.81
CA ASN A 114 -5.28 23.08 -1.35
C ASN A 114 -4.35 22.04 -0.72
N GLY A 115 -4.54 20.77 -1.08
CA GLY A 115 -3.79 19.67 -0.48
C GLY A 115 -3.67 19.85 1.03
N SER A 116 -4.76 20.30 1.65
CA SER A 116 -4.66 20.74 3.04
C SER A 116 -5.62 20.00 3.95
N MSE A 117 -6.25 18.95 3.42
CA MSE A 117 -6.99 18.06 4.28
C MSE A 117 -6.36 16.69 4.23
O MSE A 117 -5.82 16.28 3.21
CB MSE A 117 -8.47 18.00 3.89
CG MSE A 117 -9.09 19.40 3.69
SE MSE A 117 -10.88 19.33 2.86
CE MSE A 117 -11.63 17.98 4.00
N LEU A 118 -6.44 15.98 5.34
CA LEU A 118 -5.79 14.71 5.48
C LEU A 118 -6.79 13.64 5.89
N MSE A 119 -6.92 12.61 5.07
CA MSE A 119 -7.77 11.50 5.45
C MSE A 119 -6.94 10.30 5.93
O MSE A 119 -6.02 9.88 5.27
CB MSE A 119 -8.69 11.11 4.29
CG MSE A 119 -9.86 10.25 4.69
SE MSE A 119 -10.91 9.72 3.10
CE MSE A 119 -10.65 11.27 1.98
N VAL A 120 -7.31 9.77 7.08
CA VAL A 120 -6.71 8.57 7.66
C VAL A 120 -7.72 7.43 7.51
N SER A 121 -7.38 6.42 6.73
CA SER A 121 -8.24 5.28 6.46
C SER A 121 -7.62 4.01 7.02
N VAL A 122 -8.44 3.20 7.67
CA VAL A 122 -7.98 1.95 8.22
C VAL A 122 -8.90 0.87 7.69
N SER A 123 -8.33 -0.28 7.33
CA SER A 123 -9.13 -1.40 6.91
C SER A 123 -8.51 -2.68 7.46
N GLY A 124 -9.32 -3.73 7.55
CA GLY A 124 -8.84 -5.02 7.98
C GLY A 124 -9.97 -6.04 7.87
N THR A 125 -9.75 -7.21 8.44
CA THR A 125 -10.71 -8.29 8.35
C THR A 125 -11.12 -8.67 9.75
N ALA A 126 -12.41 -8.54 10.02
CA ALA A 126 -12.98 -8.87 11.31
C ALA A 126 -13.08 -10.40 11.43
N VAL A 127 -12.70 -10.93 12.59
CA VAL A 127 -12.60 -12.38 12.83
C VAL A 127 -12.94 -12.77 14.30
N LYS A 128 -13.49 -13.98 14.48
CA LYS A 128 -13.55 -14.67 15.76
C LYS A 128 -12.35 -15.60 15.95
N THR A 129 -11.77 -15.59 17.14
CA THR A 129 -10.56 -16.36 17.42
C THR A 129 -10.78 -17.36 18.54
N ARG A 130 -9.93 -18.37 18.60
CA ARG A 130 -9.96 -19.37 19.66
C ARG A 130 -8.54 -19.54 20.16
N ARG A 131 -8.31 -19.32 21.44
CA ARG A 131 -6.99 -19.55 22.00
C ARG A 131 -6.63 -21.04 21.90
N ASN A 132 -5.42 -21.30 21.39
CA ASN A 132 -4.89 -22.65 21.26
C ASN A 132 -4.67 -23.42 22.59
N ILE A 133 -4.60 -22.70 23.71
CA ILE A 133 -4.57 -23.30 25.04
C ILE A 133 -5.87 -22.92 25.77
N MSE B 25 15.39 -4.71 19.95
CA MSE B 25 14.19 -4.36 19.10
C MSE B 25 14.34 -4.64 17.58
O MSE B 25 15.09 -3.95 16.88
CB MSE B 25 13.80 -2.89 19.35
CG MSE B 25 12.71 -2.36 18.42
SE MSE B 25 10.90 -2.86 19.01
CE MSE B 25 11.08 -2.37 21.00
N GLN B 26 13.62 -5.66 17.08
CA GLN B 26 13.61 -5.98 15.64
C GLN B 26 12.43 -5.35 14.88
N PHE B 27 12.72 -4.92 13.66
CA PHE B 27 11.73 -4.37 12.75
C PHE B 27 11.69 -5.22 11.49
N SER B 28 10.49 -5.60 11.06
CA SER B 28 10.33 -6.38 9.85
C SER B 28 9.06 -6.00 9.09
N THR B 29 9.12 -6.04 7.76
CA THR B 29 7.91 -5.90 6.93
C THR B 29 7.19 -7.25 6.74
N THR B 30 7.74 -8.31 7.34
CA THR B 30 7.10 -9.62 7.31
C THR B 30 6.22 -9.78 8.55
N PRO B 31 5.14 -10.56 8.45
CA PRO B 31 4.21 -10.67 9.58
C PRO B 31 4.70 -11.62 10.71
N THR B 32 5.66 -12.48 10.41
CA THR B 32 6.23 -13.41 11.40
C THR B 32 7.73 -13.45 11.26
N LEU B 33 8.37 -14.04 12.26
CA LEU B 33 9.82 -14.14 12.28
C LEU B 33 10.24 -15.60 12.48
N GLU B 34 10.74 -16.20 11.40
CA GLU B 34 11.26 -17.57 11.44
C GLU B 34 12.29 -17.73 12.52
N GLY B 35 12.17 -18.80 13.29
CA GLY B 35 13.09 -19.04 14.37
C GLY B 35 12.60 -18.51 15.71
N LEU B 36 11.56 -17.67 15.67
CA LEU B 36 10.95 -17.16 16.89
C LEU B 36 9.47 -17.40 16.84
N THR B 37 8.83 -17.29 17.99
CA THR B 37 7.38 -17.37 18.08
C THR B 37 6.90 -16.09 18.76
N ILE B 38 5.87 -15.49 18.15
CA ILE B 38 5.15 -14.37 18.73
C ILE B 38 4.25 -14.88 19.85
N VAL B 39 4.48 -14.36 21.05
CA VAL B 39 3.83 -14.83 22.27
C VAL B 39 2.72 -13.85 22.72
N GLU B 40 2.78 -12.63 22.18
CA GLU B 40 1.84 -11.60 22.55
C GLU B 40 1.76 -10.60 21.41
N TYR B 41 0.54 -10.27 21.04
CA TYR B 41 0.29 -9.19 20.12
C TYR B 41 -0.11 -8.01 20.95
N CYS B 42 0.61 -6.90 20.78
CA CYS B 42 0.43 -5.74 21.66
C CYS B 42 -0.19 -4.48 20.95
N GLY B 43 -0.63 -4.64 19.70
CA GLY B 43 -1.38 -3.61 19.01
C GLY B 43 -0.64 -2.95 17.86
N VAL B 44 -1.36 -2.13 17.09
CA VAL B 44 -0.76 -1.38 15.99
C VAL B 44 -0.03 -0.11 16.49
N VAL B 45 1.24 0.02 16.11
CA VAL B 45 2.02 1.17 16.48
C VAL B 45 2.38 1.94 15.21
N THR B 46 2.72 3.22 15.35
CA THR B 46 3.05 4.09 14.21
C THR B 46 4.17 5.05 14.58
N GLY B 47 4.86 5.55 13.55
CA GLY B 47 5.81 6.65 13.71
C GLY B 47 5.75 7.54 12.47
N GLU B 48 6.10 8.81 12.63
CA GLU B 48 6.13 9.71 11.49
C GLU B 48 7.12 10.82 11.66
N ALA B 49 7.40 11.47 10.52
CA ALA B 49 8.25 12.65 10.42
C ALA B 49 7.78 13.42 9.20
N ILE B 50 7.83 14.75 9.30
CA ILE B 50 7.47 15.59 8.18
C ILE B 50 8.66 16.43 7.85
N LEU B 51 9.07 16.40 6.58
CA LEU B 51 10.10 17.29 6.04
C LEU B 51 9.43 18.52 5.50
N GLY B 52 9.79 19.68 6.06
CA GLY B 52 9.17 20.94 5.73
C GLY B 52 9.50 21.44 4.31
N ALA B 53 8.73 22.43 3.86
CA ALA B 53 8.94 23.04 2.55
C ALA B 53 10.38 23.54 2.35
N ASN B 54 11.00 24.10 3.39
CA ASN B 54 12.40 24.56 3.26
C ASN B 54 13.36 23.44 2.86
N ILE B 55 13.20 22.26 3.45
CA ILE B 55 13.97 21.08 3.05
C ILE B 55 13.71 20.73 1.59
N PHE B 56 12.44 20.69 1.23
CA PHE B 56 12.08 20.40 -0.15
C PHE B 56 12.70 21.37 -1.17
N ARG B 57 12.52 22.68 -0.94
CA ARG B 57 13.15 23.70 -1.80
C ARG B 57 14.66 23.46 -1.85
N ASP B 58 15.27 23.25 -0.71
CA ASP B 58 16.73 23.12 -0.69
C ASP B 58 17.30 21.84 -1.28
N PHE B 59 16.61 20.73 -1.13
CA PHE B 59 17.15 19.42 -1.53
C PHE B 59 16.44 18.71 -2.70
N PHE B 60 15.16 18.97 -2.92
CA PHE B 60 14.38 18.18 -3.88
C PHE B 60 14.01 18.97 -5.12
N ALA B 61 13.55 20.22 -4.93
CA ALA B 61 13.14 21.06 -6.07
C ALA B 61 14.26 21.21 -7.08
N GLY B 62 13.90 21.21 -8.36
CA GLY B 62 14.92 21.28 -9.40
C GLY B 62 15.95 20.14 -9.46
N ILE B 63 15.66 18.99 -8.83
CA ILE B 63 16.43 17.79 -9.13
C ILE B 63 16.32 17.62 -10.65
N ARG B 64 17.42 17.28 -11.29
CA ARG B 64 17.44 17.14 -12.74
C ARG B 64 17.78 15.72 -13.16
N ASP B 65 17.12 15.25 -14.21
CA ASP B 65 17.20 13.85 -14.69
C ASP B 65 16.71 12.82 -13.64
N ILE B 66 17.42 11.71 -13.53
CA ILE B 66 17.03 10.66 -12.60
C ILE B 66 18.13 10.55 -11.59
N VAL B 67 17.80 10.77 -10.32
CA VAL B 67 18.81 10.75 -9.26
C VAL B 67 18.48 9.75 -8.15
N GLY B 68 19.40 8.82 -7.89
CA GLY B 68 19.21 7.78 -6.89
C GLY B 68 19.61 8.25 -5.51
N GLY B 69 19.14 7.56 -4.48
CA GLY B 69 19.41 7.91 -3.10
C GLY B 69 20.88 7.79 -2.74
N ARG B 70 21.61 7.02 -3.53
CA ARG B 70 23.04 6.81 -3.40
C ARG B 70 23.88 8.05 -3.63
N SER B 71 23.55 8.82 -4.65
CA SER B 71 24.34 9.99 -5.02
C SER B 71 23.66 11.32 -4.71
N GLY B 72 22.40 11.24 -4.26
CA GLY B 72 21.57 12.41 -4.04
C GLY B 72 21.57 12.94 -2.61
N ALA B 73 21.66 14.26 -2.50
CA ALA B 73 21.64 14.97 -1.24
C ALA B 73 20.30 14.77 -0.49
N TYR B 74 19.20 14.78 -1.25
CA TYR B 74 17.85 14.57 -0.71
C TYR B 74 17.74 13.33 0.18
N GLU B 75 18.46 12.26 -0.19
CA GLU B 75 18.48 11.02 0.57
C GLU B 75 19.01 11.19 1.99
N LYS B 76 19.90 12.15 2.23
CA LYS B 76 20.35 12.39 3.60
C LYS B 76 19.16 12.86 4.44
N GLU B 77 18.26 13.61 3.82
CA GLU B 77 17.07 14.13 4.49
C GLU B 77 16.01 13.03 4.69
N LEU B 78 15.77 12.24 3.65
CA LEU B 78 14.86 11.10 3.75
C LEU B 78 15.33 10.10 4.80
N ARG B 79 16.63 9.80 4.80
CA ARG B 79 17.22 8.88 5.77
C ARG B 79 16.96 9.36 7.21
N LYS B 80 17.20 10.64 7.45
CA LYS B 80 16.90 11.28 8.73
C LYS B 80 15.42 11.12 9.13
N ALA B 81 14.52 11.46 8.21
CA ALA B 81 13.08 11.33 8.45
C ALA B 81 12.65 9.88 8.78
N ARG B 82 13.14 8.90 8.02
CA ARG B 82 12.85 7.49 8.30
C ARG B 82 13.42 7.10 9.63
N GLU B 83 14.61 7.63 9.94
CA GLU B 83 15.25 7.35 11.23
C GLU B 83 14.36 7.77 12.40
N ILE B 84 13.87 9.00 12.32
CA ILE B 84 13.03 9.57 13.34
C ILE B 84 11.69 8.82 13.46
N ALA B 85 11.05 8.54 12.32
CA ALA B 85 9.80 7.75 12.30
C ALA B 85 9.91 6.38 13.00
N PHE B 86 10.98 5.63 12.68
CA PHE B 86 11.30 4.36 13.33
C PHE B 86 11.63 4.48 14.82
N GLU B 87 12.28 5.56 15.22
CA GLU B 87 12.49 5.84 16.65
C GLU B 87 11.14 5.91 17.36
N GLU B 88 10.21 6.73 16.84
CA GLU B 88 8.87 6.85 17.40
C GLU B 88 8.14 5.48 17.42
N LEU B 89 8.15 4.79 16.30
CA LEU B 89 7.65 3.43 16.18
C LEU B 89 8.30 2.49 17.22
N GLY B 90 9.63 2.52 17.32
CA GLY B 90 10.33 1.70 18.29
C GLY B 90 9.98 2.10 19.72
N SER B 91 9.76 3.39 19.93
CA SER B 91 9.42 3.89 21.26
C SER B 91 7.99 3.58 21.72
N GLN B 92 7.02 3.59 20.81
CA GLN B 92 5.67 3.14 21.14
C GLN B 92 5.67 1.66 21.54
N ALA B 93 6.37 0.83 20.73
CA ALA B 93 6.44 -0.61 20.96
C ALA B 93 7.00 -0.92 22.34
N ARG B 94 8.12 -0.27 22.66
CA ARG B 94 8.83 -0.45 23.92
C ARG B 94 7.91 -0.22 25.12
N ALA B 95 7.11 0.85 25.08
CA ALA B 95 6.18 1.25 26.14
C ALA B 95 5.06 0.22 26.38
N LEU B 96 4.66 -0.49 25.33
CA LEU B 96 3.72 -1.60 25.49
C LEU B 96 4.42 -2.88 25.99
N GLY B 97 5.74 -2.86 26.09
CA GLY B 97 6.45 -4.04 26.52
C GLY B 97 6.81 -5.02 25.43
N ALA B 98 6.71 -4.58 24.17
CA ALA B 98 7.12 -5.35 23.00
C ALA B 98 8.64 -5.33 22.72
N ASP B 99 9.13 -6.30 21.97
CA ASP B 99 10.56 -6.35 21.63
C ASP B 99 10.74 -6.42 20.10
N ALA B 100 9.63 -6.34 19.39
CA ALA B 100 9.65 -6.36 17.91
C ALA B 100 8.42 -5.67 17.36
N VAL B 101 8.53 -5.23 16.11
CA VAL B 101 7.41 -4.69 15.36
C VAL B 101 7.47 -5.39 14.00
N VAL B 102 6.38 -6.09 13.69
CA VAL B 102 6.28 -6.89 12.49
C VAL B 102 5.17 -6.36 11.57
N GLY B 103 5.15 -6.86 10.32
CA GLY B 103 4.19 -6.42 9.32
C GLY B 103 4.26 -4.93 9.10
N ILE B 104 5.49 -4.40 9.01
CA ILE B 104 5.69 -2.97 8.86
C ILE B 104 5.38 -2.47 7.45
N ASP B 105 4.75 -1.30 7.41
CA ASP B 105 4.52 -0.52 6.18
C ASP B 105 5.16 0.84 6.36
N ILE B 106 5.81 1.31 5.30
CA ILE B 106 6.33 2.67 5.21
C ILE B 106 5.68 3.36 3.98
N ASP B 107 5.08 4.54 4.14
CA ASP B 107 4.63 5.29 2.96
C ASP B 107 5.06 6.73 2.92
N TYR B 108 5.13 7.29 1.73
CA TYR B 108 5.42 8.70 1.63
C TYR B 108 4.24 9.45 1.06
N GLU B 109 3.90 10.55 1.70
CA GLU B 109 2.76 11.37 1.36
C GLU B 109 3.19 12.82 1.21
N THR B 110 2.91 13.37 0.05
CA THR B 110 3.11 14.77 -0.22
C THR B 110 1.91 15.49 0.33
N VAL B 111 2.14 16.53 1.11
CA VAL B 111 1.04 17.31 1.68
C VAL B 111 1.28 18.81 1.43
N GLY B 112 0.19 19.58 1.54
CA GLY B 112 0.28 21.04 1.53
C GLY B 112 -0.07 21.73 0.23
N GLN B 113 -0.30 23.05 0.34
CA GLN B 113 -0.77 23.86 -0.78
C GLN B 113 0.16 23.85 -2.01
N ASN B 114 1.44 23.49 -1.79
CA ASN B 114 2.41 23.53 -2.87
C ASN B 114 3.12 22.19 -3.12
N GLY B 115 2.52 21.10 -2.66
CA GLY B 115 3.08 19.77 -2.80
C GLY B 115 4.56 19.68 -2.44
N SER B 116 4.98 20.50 -1.49
CA SER B 116 6.39 20.66 -1.15
C SER B 116 6.68 20.26 0.30
N MSE B 117 5.78 19.48 0.87
CA MSE B 117 6.01 18.88 2.18
C MSE B 117 5.81 17.39 2.05
O MSE B 117 4.89 16.93 1.38
CB MSE B 117 5.06 19.44 3.24
CG MSE B 117 5.16 20.93 3.47
SE MSE B 117 3.82 21.60 4.76
CE MSE B 117 4.16 20.39 6.21
N LEU B 118 6.69 16.65 2.71
CA LEU B 118 6.68 15.21 2.63
C LEU B 118 6.48 14.63 4.02
N MSE B 119 5.47 13.78 4.14
CA MSE B 119 5.29 13.01 5.35
C MSE B 119 5.68 11.54 5.19
O MSE B 119 5.19 10.86 4.28
CB MSE B 119 3.87 13.11 5.86
CG MSE B 119 3.62 12.27 7.09
SE MSE B 119 1.86 12.63 7.86
CE MSE B 119 0.65 12.12 6.32
N VAL B 120 6.56 11.08 6.07
CA VAL B 120 6.94 9.67 6.13
C VAL B 120 6.24 9.02 7.31
N SER B 121 5.46 7.99 7.03
CA SER B 121 4.76 7.28 8.10
C SER B 121 5.10 5.82 8.09
N VAL B 122 5.36 5.31 9.27
CA VAL B 122 5.63 3.90 9.43
C VAL B 122 4.52 3.34 10.34
N SER B 123 4.12 2.10 10.07
CA SER B 123 3.19 1.41 10.93
C SER B 123 3.50 -0.08 10.93
N GLY B 124 3.07 -0.74 12.01
CA GLY B 124 3.32 -2.14 12.21
C GLY B 124 2.68 -2.59 13.48
N THR B 125 3.00 -3.81 13.88
CA THR B 125 2.35 -4.44 15.01
C THR B 125 3.40 -4.74 16.06
N ALA B 126 3.26 -4.12 17.23
CA ALA B 126 4.09 -4.39 18.40
C ALA B 126 3.82 -5.81 18.92
N VAL B 127 4.88 -6.60 19.05
CA VAL B 127 4.75 -7.99 19.52
C VAL B 127 5.85 -8.36 20.50
N LYS B 128 5.52 -9.29 21.39
CA LYS B 128 6.50 -9.92 22.29
C LYS B 128 6.84 -11.27 21.66
N THR B 129 8.14 -11.60 21.65
CA THR B 129 8.62 -12.85 21.04
C THR B 129 9.36 -13.76 22.03
N ARG B 130 9.41 -15.05 21.68
CA ARG B 130 10.18 -16.07 22.37
C ARG B 130 11.00 -16.82 21.30
N ARG B 131 12.31 -16.84 21.50
CA ARG B 131 13.21 -17.62 20.66
C ARG B 131 12.82 -19.10 20.75
N ASN B 132 12.70 -19.75 19.59
CA ASN B 132 12.36 -21.18 19.56
C ASN B 132 13.41 -22.08 20.24
N ILE B 133 14.63 -21.57 20.41
CA ILE B 133 15.74 -22.26 21.10
C ILE B 133 16.09 -21.54 22.41
N MSE C 25 21.83 -12.12 -5.36
CA MSE C 25 20.96 -11.42 -4.36
C MSE C 25 19.47 -11.49 -4.77
O MSE C 25 19.09 -11.03 -5.84
CB MSE C 25 21.41 -9.97 -4.18
CG MSE C 25 20.40 -9.02 -3.53
SE MSE C 25 20.56 -8.80 -1.58
CE MSE C 25 22.50 -9.40 -1.31
N GLN C 26 18.67 -12.11 -3.91
CA GLN C 26 17.25 -12.35 -4.18
C GLN C 26 16.39 -11.23 -3.62
N PHE C 27 15.40 -10.84 -4.41
CA PHE C 27 14.42 -9.83 -4.03
C PHE C 27 13.05 -10.48 -4.21
N SER C 28 12.19 -10.34 -3.21
CA SER C 28 10.86 -10.92 -3.25
C SER C 28 9.85 -9.98 -2.59
N THR C 29 8.66 -9.88 -3.19
CA THR C 29 7.51 -9.28 -2.49
C THR C 29 6.87 -10.22 -1.45
N THR C 30 7.27 -11.50 -1.44
CA THR C 30 6.76 -12.46 -0.45
C THR C 30 7.60 -12.35 0.82
N PRO C 31 6.99 -12.60 1.98
CA PRO C 31 7.69 -12.51 3.26
C PRO C 31 8.64 -13.69 3.57
N THR C 32 8.47 -14.82 2.89
CA THR C 32 9.35 -15.99 3.11
C THR C 32 9.71 -16.55 1.76
N LEU C 33 10.76 -17.37 1.72
CA LEU C 33 11.15 -18.03 0.49
C LEU C 33 11.09 -19.53 0.73
N GLU C 34 10.08 -20.18 0.14
CA GLU C 34 9.94 -21.63 0.20
C GLU C 34 11.24 -22.26 -0.27
N GLY C 35 11.62 -23.39 0.32
CA GLY C 35 12.91 -23.99 0.03
C GLY C 35 14.05 -23.49 0.92
N LEU C 36 13.81 -22.37 1.60
CA LEU C 36 14.82 -21.78 2.48
C LEU C 36 14.18 -21.49 3.82
N THR C 37 15.01 -21.28 4.83
CA THR C 37 14.54 -20.67 6.07
C THR C 37 15.42 -19.48 6.35
N ILE C 38 14.82 -18.43 6.91
CA ILE C 38 15.54 -17.23 7.29
C ILE C 38 16.16 -17.45 8.66
N VAL C 39 17.47 -17.23 8.76
CA VAL C 39 18.21 -17.42 10.03
C VAL C 39 18.56 -16.10 10.72
N GLU C 40 18.43 -15.00 10.00
CA GLU C 40 18.61 -13.69 10.61
C GLU C 40 17.76 -12.69 9.87
N TYR C 41 17.13 -11.83 10.66
CA TYR C 41 16.44 -10.67 10.14
C TYR C 41 17.38 -9.52 10.40
N CYS C 42 17.80 -8.86 9.34
CA CYS C 42 18.78 -7.80 9.50
C CYS C 42 18.22 -6.34 9.39
N GLY C 43 16.90 -6.21 9.43
CA GLY C 43 16.27 -4.89 9.46
C GLY C 43 15.64 -4.43 8.15
N VAL C 44 14.84 -3.37 8.23
CA VAL C 44 14.20 -2.75 7.07
C VAL C 44 15.23 -1.98 6.24
N VAL C 45 15.26 -2.24 4.95
CA VAL C 45 16.11 -1.48 4.03
C VAL C 45 15.23 -0.75 2.98
N THR C 46 15.79 0.29 2.38
CA THR C 46 15.07 1.07 1.38
C THR C 46 16.00 1.41 0.24
N GLY C 47 15.39 1.64 -0.92
CA GLY C 47 16.01 2.44 -1.97
C GLY C 47 15.01 3.41 -2.60
N GLU C 48 15.52 4.48 -3.21
CA GLU C 48 14.67 5.31 -4.05
C GLU C 48 15.45 5.99 -5.20
N ALA C 49 14.70 6.64 -6.07
CA ALA C 49 15.19 7.41 -7.18
C ALA C 49 14.15 8.50 -7.40
N ILE C 50 14.59 9.69 -7.81
CA ILE C 50 13.68 10.76 -8.23
C ILE C 50 13.91 11.14 -9.69
N LEU C 51 12.81 11.18 -10.45
CA LEU C 51 12.82 11.65 -11.84
C LEU C 51 12.45 13.08 -11.74
N GLY C 52 13.34 13.94 -12.22
CA GLY C 52 13.11 15.39 -12.19
C GLY C 52 12.03 15.82 -13.15
N ALA C 53 11.55 17.04 -13.00
CA ALA C 53 10.55 17.62 -13.89
C ALA C 53 10.99 17.66 -15.36
N ASN C 54 12.30 17.73 -15.63
CA ASN C 54 12.74 17.73 -17.03
C ASN C 54 12.40 16.39 -17.67
N ILE C 55 12.66 15.30 -16.94
CA ILE C 55 12.21 13.99 -17.43
C ILE C 55 10.70 13.92 -17.62
N PHE C 56 9.97 14.40 -16.63
CA PHE C 56 8.50 14.38 -16.73
C PHE C 56 7.99 15.18 -17.92
N ARG C 57 8.57 16.36 -18.13
CA ARG C 57 8.25 17.22 -19.28
C ARG C 57 8.53 16.53 -20.60
N ASP C 58 9.70 15.91 -20.67
CA ASP C 58 10.17 15.31 -21.91
C ASP C 58 9.43 14.03 -22.31
N PHE C 59 9.16 13.12 -21.36
CA PHE C 59 8.69 11.77 -21.70
C PHE C 59 7.28 11.40 -21.25
N PHE C 60 6.75 12.15 -20.28
CA PHE C 60 5.48 11.85 -19.62
C PHE C 60 4.35 12.80 -20.00
N ALA C 61 4.62 14.11 -20.08
CA ALA C 61 3.53 15.10 -20.21
C ALA C 61 2.70 15.03 -21.50
N GLY C 62 3.34 14.70 -22.61
CA GLY C 62 2.59 14.66 -23.86
C GLY C 62 1.74 13.42 -24.10
N ILE C 63 1.62 12.53 -23.09
CA ILE C 63 0.92 11.26 -23.28
C ILE C 63 -0.53 11.41 -23.71
N ARG C 64 -0.87 10.74 -24.79
CA ARG C 64 -2.26 10.72 -25.25
C ARG C 64 -2.85 9.30 -25.19
N ASP C 65 -4.15 9.20 -24.99
CA ASP C 65 -4.81 7.89 -24.81
C ASP C 65 -4.19 7.06 -23.68
N ILE C 66 -4.27 5.74 -23.78
CA ILE C 66 -3.68 4.86 -22.77
C ILE C 66 -2.43 4.23 -23.34
N VAL C 67 -1.33 4.41 -22.62
CA VAL C 67 -0.05 3.98 -23.15
C VAL C 67 0.71 3.05 -22.19
N GLY C 68 0.87 1.80 -22.60
CA GLY C 68 1.56 0.82 -21.78
C GLY C 68 3.04 0.89 -22.00
N GLY C 69 3.80 0.18 -21.18
CA GLY C 69 5.24 0.24 -21.19
C GLY C 69 5.86 -0.13 -22.52
N ARG C 70 5.23 -1.06 -23.23
CA ARG C 70 5.71 -1.49 -24.55
C ARG C 70 5.89 -0.34 -25.54
N SER C 71 4.81 0.41 -25.77
CA SER C 71 4.81 1.46 -26.79
C SER C 71 5.50 2.79 -26.41
N GLY C 72 5.37 3.20 -25.13
CA GLY C 72 5.66 4.56 -24.70
C GLY C 72 7.11 4.95 -24.42
N ALA C 73 7.43 6.20 -24.73
CA ALA C 73 8.74 6.79 -24.42
C ALA C 73 9.09 6.85 -22.89
N TYR C 74 8.10 7.14 -22.05
CA TYR C 74 8.30 7.24 -20.60
C TYR C 74 8.89 6.00 -19.94
N GLU C 75 8.66 4.83 -20.56
CA GLU C 75 8.93 3.53 -19.93
C GLU C 75 10.42 3.31 -19.65
N LYS C 76 11.26 3.74 -20.60
CA LYS C 76 12.72 3.75 -20.39
C LYS C 76 13.12 4.43 -19.07
N GLU C 77 12.45 5.53 -18.75
CA GLU C 77 12.77 6.34 -17.58
C GLU C 77 12.31 5.68 -16.26
N LEU C 78 11.05 5.27 -16.19
CA LEU C 78 10.55 4.49 -15.06
C LEU C 78 11.48 3.35 -14.74
N ARG C 79 11.75 2.51 -15.74
CA ARG C 79 12.66 1.37 -15.63
C ARG C 79 14.03 1.75 -15.07
N LYS C 80 14.63 2.82 -15.59
CA LYS C 80 15.93 3.25 -15.05
C LYS C 80 15.81 3.73 -13.58
N ALA C 81 14.71 4.40 -13.26
CA ALA C 81 14.50 4.81 -11.87
C ALA C 81 14.32 3.57 -10.97
N ARG C 82 13.53 2.58 -11.39
CA ARG C 82 13.38 1.34 -10.61
C ARG C 82 14.72 0.62 -10.34
N GLU C 83 15.51 0.38 -11.39
CA GLU C 83 16.79 -0.34 -11.30
C GLU C 83 17.73 0.34 -10.33
N ILE C 84 17.83 1.67 -10.42
CA ILE C 84 18.62 2.45 -9.50
C ILE C 84 18.18 2.30 -8.03
N ALA C 85 16.87 2.35 -7.80
CA ALA C 85 16.26 2.12 -6.49
C ALA C 85 16.55 0.73 -5.94
N PHE C 86 16.42 -0.29 -6.78
CA PHE C 86 16.79 -1.66 -6.39
C PHE C 86 18.27 -1.81 -6.11
N GLU C 87 19.09 -1.13 -6.91
CA GLU C 87 20.53 -1.15 -6.69
C GLU C 87 20.84 -0.63 -5.28
N GLU C 88 20.24 0.52 -4.91
CA GLU C 88 20.44 1.12 -3.58
C GLU C 88 19.96 0.21 -2.46
N LEU C 89 18.83 -0.44 -2.70
CA LEU C 89 18.26 -1.34 -1.72
C LEU C 89 19.15 -2.58 -1.59
N GLY C 90 19.69 -3.03 -2.73
CA GLY C 90 20.59 -4.17 -2.78
C GLY C 90 21.88 -3.87 -2.04
N SER C 91 22.47 -2.71 -2.28
CA SER C 91 23.68 -2.31 -1.56
C SER C 91 23.48 -2.22 -0.06
N GLN C 92 22.36 -1.63 0.39
CA GLN C 92 22.03 -1.57 1.81
C GLN C 92 21.97 -2.98 2.43
N ALA C 93 21.31 -3.90 1.74
CA ALA C 93 21.20 -5.28 2.21
C ALA C 93 22.57 -5.95 2.28
N ARG C 94 23.32 -5.87 1.19
CA ARG C 94 24.61 -6.54 1.07
C ARG C 94 25.58 -6.03 2.12
N ALA C 95 25.61 -4.71 2.31
CA ALA C 95 26.37 -4.08 3.38
C ALA C 95 26.02 -4.62 4.77
N LEU C 96 24.78 -5.05 4.96
CA LEU C 96 24.34 -5.53 6.28
C LEU C 96 24.70 -7.01 6.51
N GLY C 97 25.27 -7.64 5.49
CA GLY C 97 25.59 -9.05 5.56
C GLY C 97 24.44 -9.94 5.13
N ALA C 98 23.39 -9.36 4.54
CA ALA C 98 22.21 -10.09 4.07
C ALA C 98 22.39 -10.69 2.69
N ASP C 99 21.61 -11.73 2.38
CA ASP C 99 21.69 -12.30 1.07
C ASP C 99 20.37 -12.30 0.32
N ALA C 100 19.31 -11.79 0.97
CA ALA C 100 17.99 -11.59 0.36
C ALA C 100 17.27 -10.35 0.93
N VAL C 101 16.35 -9.82 0.16
CA VAL C 101 15.43 -8.81 0.64
C VAL C 101 14.04 -9.33 0.33
N VAL C 102 13.26 -9.54 1.40
CA VAL C 102 11.94 -10.12 1.32
C VAL C 102 10.89 -9.10 1.78
N GLY C 103 9.61 -9.36 1.47
CA GLY C 103 8.52 -8.50 1.87
C GLY C 103 8.70 -7.12 1.27
N ILE C 104 9.02 -7.10 -0.02
CA ILE C 104 9.31 -5.87 -0.75
C ILE C 104 8.04 -5.17 -1.19
N ASP C 105 8.09 -3.83 -1.10
CA ASP C 105 7.02 -2.99 -1.59
C ASP C 105 7.65 -1.88 -2.42
N ILE C 106 7.04 -1.59 -3.57
CA ILE C 106 7.46 -0.49 -4.43
C ILE C 106 6.33 0.52 -4.44
N ASP C 107 6.67 1.78 -4.16
CA ASP C 107 5.67 2.83 -4.22
C ASP C 107 6.10 3.92 -5.21
N TYR C 108 5.11 4.59 -5.79
CA TYR C 108 5.36 5.73 -6.64
C TYR C 108 4.63 6.93 -6.06
N GLU C 109 5.35 8.04 -5.89
CA GLU C 109 4.78 9.25 -5.33
C GLU C 109 5.15 10.45 -6.20
N THR C 110 4.17 11.21 -6.67
CA THR C 110 4.46 12.48 -7.34
C THR C 110 4.67 13.53 -6.26
N VAL C 111 5.67 14.38 -6.46
CA VAL C 111 6.03 15.43 -5.50
C VAL C 111 6.28 16.77 -6.19
N GLY C 112 6.35 17.85 -5.40
CA GLY C 112 6.61 19.18 -5.93
C GLY C 112 5.40 19.96 -6.39
N GLN C 113 5.57 21.28 -6.56
CA GLN C 113 4.45 22.18 -6.88
C GLN C 113 3.65 21.67 -8.06
N ASN C 114 4.34 21.37 -9.16
CA ASN C 114 3.64 21.06 -10.40
C ASN C 114 3.27 19.60 -10.58
N GLY C 115 3.44 18.80 -9.53
CA GLY C 115 3.22 17.36 -9.58
C GLY C 115 4.00 16.72 -10.71
N SER C 116 5.16 17.29 -11.00
CA SER C 116 5.90 16.88 -12.19
C SER C 116 7.24 16.24 -11.86
N MSE C 117 7.42 15.99 -10.56
CA MSE C 117 8.50 15.12 -10.13
C MSE C 117 7.88 13.82 -9.63
O MSE C 117 6.78 13.82 -9.10
CB MSE C 117 9.34 15.75 -9.05
CG MSE C 117 10.14 16.93 -9.53
SE MSE C 117 11.12 17.68 -8.02
CE MSE C 117 9.70 18.63 -7.32
N LEU C 118 8.61 12.74 -9.83
CA LEU C 118 8.12 11.40 -9.51
C LEU C 118 9.14 10.71 -8.62
N MSE C 119 8.69 10.21 -7.49
CA MSE C 119 9.59 9.44 -6.66
C MSE C 119 9.26 7.95 -6.71
O MSE C 119 8.14 7.56 -6.54
CB MSE C 119 9.57 9.94 -5.22
CG MSE C 119 10.52 9.15 -4.32
SE MSE C 119 10.96 10.01 -2.66
CE MSE C 119 9.13 10.17 -1.90
N VAL C 120 10.27 7.14 -6.97
CA VAL C 120 10.10 5.70 -6.90
C VAL C 120 10.77 5.21 -5.62
N SER C 121 10.00 4.59 -4.74
CA SER C 121 10.51 4.17 -3.46
C SER C 121 10.36 2.66 -3.30
N VAL C 122 11.43 1.99 -2.89
CA VAL C 122 11.33 0.56 -2.58
C VAL C 122 11.75 0.30 -1.12
N SER C 123 11.09 -0.67 -0.49
CA SER C 123 11.45 -1.13 0.85
C SER C 123 11.27 -2.65 1.02
N GLY C 124 12.04 -3.22 1.95
CA GLY C 124 11.95 -4.63 2.25
C GLY C 124 12.70 -4.95 3.51
N THR C 125 12.78 -6.22 3.85
CA THR C 125 13.50 -6.61 5.05
C THR C 125 14.71 -7.42 4.60
N ALA C 126 15.90 -6.94 4.94
CA ALA C 126 17.11 -7.68 4.62
C ALA C 126 17.24 -8.91 5.53
N VAL C 127 17.58 -10.07 4.92
CA VAL C 127 17.66 -11.34 5.66
C VAL C 127 18.81 -12.25 5.21
N LYS C 128 19.27 -13.07 6.13
CA LYS C 128 20.22 -14.14 5.82
C LYS C 128 19.42 -15.40 5.70
N THR C 129 19.68 -16.14 4.63
CA THR C 129 19.00 -17.38 4.34
C THR C 129 19.92 -18.61 4.50
N ARG C 130 19.32 -19.74 4.81
CA ARG C 130 19.99 -21.03 4.71
C ARG C 130 19.05 -22.03 4.04
N ARG C 131 19.59 -22.69 3.02
CA ARG C 131 18.89 -23.71 2.25
C ARG C 131 18.41 -24.84 3.15
N ASN C 132 17.23 -25.36 2.86
CA ASN C 132 16.69 -26.49 3.64
C ASN C 132 17.47 -27.81 3.44
N ILE C 133 18.16 -27.94 2.30
CA ILE C 133 19.07 -29.07 2.03
C ILE C 133 20.54 -28.61 2.03
N MSE D 25 -0.04 -20.19 -16.35
CA MSE D 25 0.47 -18.89 -15.79
C MSE D 25 -0.62 -18.13 -15.02
O MSE D 25 -1.48 -17.48 -15.64
CB MSE D 25 1.14 -18.04 -16.91
CG MSE D 25 1.15 -16.53 -16.70
SE MSE D 25 2.86 -15.79 -16.00
CE MSE D 25 2.15 -15.15 -14.30
N GLN D 26 -0.60 -18.24 -13.69
CA GLN D 26 -1.54 -17.51 -12.82
C GLN D 26 -0.96 -16.30 -12.09
N PHE D 27 -1.84 -15.38 -11.75
CA PHE D 27 -1.49 -14.16 -11.04
C PHE D 27 -2.22 -14.18 -9.70
N SER D 28 -1.51 -13.83 -8.64
CA SER D 28 -2.11 -13.80 -7.32
C SER D 28 -1.58 -12.65 -6.46
N THR D 29 -2.45 -12.06 -5.64
CA THR D 29 -2.00 -11.11 -4.61
C THR D 29 -1.47 -11.80 -3.36
N THR D 30 -1.71 -13.11 -3.24
CA THR D 30 -1.22 -13.88 -2.10
C THR D 30 0.24 -14.25 -2.38
N PRO D 31 1.05 -14.38 -1.33
CA PRO D 31 2.47 -14.71 -1.46
C PRO D 31 2.80 -16.19 -1.80
N THR D 32 1.87 -17.11 -1.51
CA THR D 32 2.03 -18.52 -1.87
C THR D 32 0.76 -19.04 -2.51
N LEU D 33 0.85 -20.23 -3.10
CA LEU D 33 -0.30 -20.86 -3.73
C LEU D 33 -0.50 -22.21 -3.04
N GLU D 34 -1.59 -22.35 -2.31
CA GLU D 34 -1.93 -23.62 -1.68
C GLU D 34 -2.10 -24.72 -2.74
N GLY D 35 -1.47 -25.87 -2.50
CA GLY D 35 -1.50 -26.98 -3.44
C GLY D 35 -0.28 -27.01 -4.34
N LEU D 36 0.48 -25.93 -4.33
CA LEU D 36 1.74 -25.91 -5.05
C LEU D 36 2.88 -25.54 -4.12
N THR D 37 4.10 -25.76 -4.58
CA THR D 37 5.29 -25.31 -3.90
C THR D 37 6.08 -24.51 -4.93
N ILE D 38 6.58 -23.36 -4.50
CA ILE D 38 7.45 -22.56 -5.32
C ILE D 38 8.83 -23.21 -5.28
N VAL D 39 9.36 -23.51 -6.46
CA VAL D 39 10.63 -24.20 -6.54
C VAL D 39 11.74 -23.25 -6.95
N GLU D 40 11.38 -22.08 -7.48
CA GLU D 40 12.33 -21.00 -7.74
C GLU D 40 11.68 -19.62 -7.70
N TYR D 41 12.45 -18.67 -7.16
CA TYR D 41 12.09 -17.27 -7.09
C TYR D 41 12.92 -16.55 -8.12
N CYS D 42 12.24 -15.93 -9.08
CA CYS D 42 12.95 -15.39 -10.23
C CYS D 42 12.96 -13.86 -10.27
N GLY D 43 12.68 -13.21 -9.14
CA GLY D 43 12.75 -11.76 -9.06
C GLY D 43 11.44 -11.00 -9.15
N VAL D 44 11.54 -9.71 -8.84
CA VAL D 44 10.43 -8.77 -8.88
C VAL D 44 10.18 -8.25 -10.31
N VAL D 45 8.95 -8.37 -10.75
CA VAL D 45 8.53 -7.99 -12.09
C VAL D 45 7.44 -6.90 -12.01
N THR D 46 7.23 -6.20 -13.11
CA THR D 46 6.47 -4.95 -13.09
C THR D 46 5.71 -4.80 -14.39
N GLY D 47 4.54 -4.18 -14.31
CA GLY D 47 3.84 -3.70 -15.50
C GLY D 47 3.17 -2.36 -15.18
N GLU D 48 2.92 -1.56 -16.21
CA GLU D 48 2.22 -0.30 -16.02
C GLU D 48 1.69 0.31 -17.31
N ALA D 49 0.75 1.24 -17.11
CA ALA D 49 0.12 1.96 -18.20
C ALA D 49 -0.20 3.33 -17.63
N ILE D 50 -0.27 4.33 -18.49
CA ILE D 50 -0.60 5.67 -18.09
C ILE D 50 -1.80 6.13 -18.91
N LEU D 51 -2.85 6.61 -18.25
CA LEU D 51 -4.00 7.20 -18.96
C LEU D 51 -3.71 8.67 -19.15
N GLY D 52 -3.77 9.14 -20.39
CA GLY D 52 -3.45 10.53 -20.72
C GLY D 52 -4.54 11.49 -20.28
N ALA D 53 -4.19 12.78 -20.13
CA ALA D 53 -5.13 13.81 -19.72
C ALA D 53 -6.42 13.81 -20.55
N ASN D 54 -6.29 13.55 -21.84
CA ASN D 54 -7.42 13.51 -22.75
C ASN D 54 -8.45 12.48 -22.33
N ILE D 55 -7.99 11.30 -21.90
CA ILE D 55 -8.90 10.25 -21.42
C ILE D 55 -9.59 10.65 -20.12
N PHE D 56 -8.84 11.31 -19.25
CA PHE D 56 -9.39 11.86 -18.04
C PHE D 56 -10.48 12.90 -18.28
N ARG D 57 -10.23 13.83 -19.21
CA ARG D 57 -11.23 14.88 -19.52
C ARG D 57 -12.46 14.26 -20.12
N ASP D 58 -12.24 13.25 -20.97
CA ASP D 58 -13.35 12.70 -21.75
C ASP D 58 -14.28 11.81 -20.91
N PHE D 59 -13.71 10.99 -20.01
CA PHE D 59 -14.48 9.95 -19.29
C PHE D 59 -14.57 10.12 -17.78
N PHE D 60 -13.68 10.90 -17.19
CA PHE D 60 -13.59 11.00 -15.73
C PHE D 60 -14.06 12.35 -15.21
N ALA D 61 -13.69 13.42 -15.91
CA ALA D 61 -13.92 14.77 -15.39
C ALA D 61 -15.38 15.08 -15.07
N GLY D 62 -16.31 14.57 -15.87
CA GLY D 62 -17.71 14.95 -15.66
C GLY D 62 -18.51 14.20 -14.61
N ILE D 63 -17.84 13.35 -13.82
CA ILE D 63 -18.58 12.43 -12.97
C ILE D 63 -19.40 13.15 -11.90
N ARG D 64 -20.69 12.80 -11.86
CA ARG D 64 -21.61 13.31 -10.85
C ARG D 64 -21.91 12.20 -9.85
N ASP D 65 -22.08 12.57 -8.57
CA ASP D 65 -22.46 11.62 -7.51
C ASP D 65 -21.43 10.47 -7.36
N ILE D 66 -21.88 9.28 -6.99
CA ILE D 66 -20.96 8.15 -6.87
C ILE D 66 -21.24 7.21 -8.01
N VAL D 67 -20.21 6.91 -8.80
CA VAL D 67 -20.39 6.07 -9.98
C VAL D 67 -19.45 4.86 -9.97
N GLY D 68 -20.02 3.68 -10.05
CA GLY D 68 -19.27 2.43 -10.02
C GLY D 68 -18.96 1.99 -11.43
N GLY D 69 -18.06 1.01 -11.56
CA GLY D 69 -17.65 0.47 -12.84
C GLY D 69 -18.79 0.10 -13.78
N ARG D 70 -19.76 -0.65 -13.27
CA ARG D 70 -20.90 -1.13 -14.05
C ARG D 70 -21.55 0.00 -14.88
N SER D 71 -21.91 1.11 -14.23
CA SER D 71 -22.59 2.21 -14.93
C SER D 71 -21.73 3.16 -15.79
N GLY D 72 -20.47 3.39 -15.38
CA GLY D 72 -19.70 4.55 -15.83
C GLY D 72 -18.91 4.41 -17.12
N ALA D 73 -18.75 5.53 -17.83
CA ALA D 73 -17.90 5.62 -19.02
C ALA D 73 -16.40 5.37 -18.77
N TYR D 74 -15.93 5.65 -17.54
CA TYR D 74 -14.53 5.48 -17.17
C TYR D 74 -14.01 4.03 -17.03
N GLU D 75 -14.88 3.10 -16.66
CA GLU D 75 -14.43 1.74 -16.31
C GLU D 75 -13.71 1.01 -17.45
N LYS D 76 -14.17 1.23 -18.67
CA LYS D 76 -13.56 0.61 -19.83
C LYS D 76 -12.10 1.11 -20.02
N GLU D 77 -11.84 2.37 -19.64
CA GLU D 77 -10.47 2.92 -19.67
C GLU D 77 -9.56 2.34 -18.62
N LEU D 78 -10.03 2.32 -17.36
CA LEU D 78 -9.26 1.71 -16.28
C LEU D 78 -8.92 0.28 -16.64
N ARG D 79 -9.95 -0.48 -17.07
CA ARG D 79 -9.79 -1.89 -17.43
C ARG D 79 -8.74 -2.10 -18.51
N LYS D 80 -8.75 -1.27 -19.55
CA LYS D 80 -7.73 -1.30 -20.60
C LYS D 80 -6.34 -1.07 -20.01
N ALA D 81 -6.25 -0.08 -19.11
CA ALA D 81 -4.99 0.25 -18.45
C ALA D 81 -4.50 -0.94 -17.59
N ARG D 82 -5.41 -1.54 -16.81
CA ARG D 82 -5.07 -2.75 -16.07
C ARG D 82 -4.64 -3.86 -17.02
N GLU D 83 -5.45 -4.14 -18.06
CA GLU D 83 -5.19 -5.26 -18.97
C GLU D 83 -3.78 -5.16 -19.59
N ILE D 84 -3.37 -3.95 -19.94
CA ILE D 84 -2.04 -3.65 -20.47
C ILE D 84 -0.94 -3.77 -19.42
N ALA D 85 -1.21 -3.29 -18.21
CA ALA D 85 -0.22 -3.43 -17.16
C ALA D 85 0.09 -4.91 -16.88
N PHE D 86 -0.97 -5.72 -16.79
CA PHE D 86 -0.86 -7.16 -16.53
C PHE D 86 -0.16 -7.94 -17.64
N GLU D 87 -0.45 -7.61 -18.90
CA GLU D 87 0.27 -8.26 -20.02
C GLU D 87 1.77 -7.99 -19.96
N GLU D 88 2.18 -6.77 -19.61
CA GLU D 88 3.60 -6.45 -19.44
C GLU D 88 4.17 -7.21 -18.26
N LEU D 89 3.36 -7.35 -17.22
CA LEU D 89 3.79 -8.06 -16.04
C LEU D 89 4.07 -9.53 -16.44
N GLY D 90 3.10 -10.13 -17.14
CA GLY D 90 3.14 -11.52 -17.57
C GLY D 90 4.27 -11.84 -18.54
N SER D 91 4.39 -10.99 -19.54
CA SER D 91 5.49 -11.11 -20.48
C SER D 91 6.90 -11.03 -19.82
N GLN D 92 7.08 -10.15 -18.81
CA GLN D 92 8.33 -10.06 -18.03
C GLN D 92 8.58 -11.36 -17.24
N ALA D 93 7.52 -11.91 -16.64
CA ALA D 93 7.59 -13.19 -15.99
C ALA D 93 7.86 -14.34 -16.98
N ARG D 94 7.25 -14.28 -18.17
CA ARG D 94 7.47 -15.28 -19.22
C ARG D 94 8.96 -15.34 -19.60
N ALA D 95 9.54 -14.17 -19.90
CA ALA D 95 10.96 -14.00 -20.22
C ALA D 95 11.91 -14.57 -19.18
N LEU D 96 11.49 -14.63 -17.91
CA LEU D 96 12.34 -15.24 -16.88
C LEU D 96 12.08 -16.75 -16.72
N GLY D 97 11.19 -17.30 -17.53
CA GLY D 97 10.83 -18.71 -17.42
C GLY D 97 9.92 -19.05 -16.26
N ALA D 98 9.39 -18.03 -15.59
CA ALA D 98 8.42 -18.19 -14.52
C ALA D 98 7.08 -18.63 -15.08
N ASP D 99 6.30 -19.33 -14.27
CA ASP D 99 4.95 -19.71 -14.65
C ASP D 99 3.86 -19.11 -13.72
N ALA D 100 4.27 -18.32 -12.71
CA ALA D 100 3.33 -17.57 -11.86
C ALA D 100 3.91 -16.19 -11.40
N VAL D 101 3.05 -15.27 -11.02
CA VAL D 101 3.49 -14.04 -10.34
C VAL D 101 2.64 -13.95 -9.09
N VAL D 102 3.32 -13.96 -7.94
CA VAL D 102 2.66 -13.99 -6.65
C VAL D 102 3.00 -12.69 -5.91
N GLY D 103 2.36 -12.47 -4.79
CA GLY D 103 2.61 -11.27 -4.01
C GLY D 103 2.36 -10.01 -4.84
N ILE D 104 1.32 -10.05 -5.67
CA ILE D 104 0.98 -8.93 -6.52
C ILE D 104 0.33 -7.75 -5.82
N ASP D 105 0.81 -6.56 -6.15
CA ASP D 105 0.20 -5.32 -5.76
C ASP D 105 -0.10 -4.45 -6.97
N ILE D 106 -1.26 -3.80 -6.95
CA ILE D 106 -1.69 -2.85 -7.98
C ILE D 106 -1.86 -1.48 -7.33
N ASP D 107 -1.22 -0.46 -7.91
CA ASP D 107 -1.33 0.89 -7.42
C ASP D 107 -1.82 1.83 -8.48
N TYR D 108 -2.58 2.83 -8.05
CA TYR D 108 -3.02 3.91 -8.90
C TYR D 108 -2.41 5.19 -8.36
N GLU D 109 -1.71 5.92 -9.22
CA GLU D 109 -1.15 7.21 -8.83
C GLU D 109 -1.49 8.28 -9.87
N THR D 110 -1.91 9.44 -9.38
CA THR D 110 -2.20 10.59 -10.22
C THR D 110 -0.89 11.32 -10.47
N VAL D 111 -0.63 11.64 -11.73
CA VAL D 111 0.59 12.35 -12.11
C VAL D 111 0.24 13.59 -12.96
N GLY D 112 1.17 14.52 -13.12
CA GLY D 112 1.02 15.67 -13.99
C GLY D 112 0.57 16.97 -13.32
N GLN D 113 0.61 18.07 -14.08
CA GLN D 113 0.26 19.41 -13.57
C GLN D 113 -1.16 19.51 -13.01
N ASN D 114 -2.12 18.96 -13.76
CA ASN D 114 -3.52 19.21 -13.48
C ASN D 114 -4.17 18.04 -12.77
N GLY D 115 -3.35 17.25 -12.07
CA GLY D 115 -3.76 16.00 -11.46
C GLY D 115 -4.63 15.15 -12.38
N SER D 116 -4.40 15.20 -13.69
CA SER D 116 -5.32 14.59 -14.65
C SER D 116 -4.73 13.44 -15.46
N MSE D 117 -3.55 12.98 -15.06
CA MSE D 117 -3.01 11.76 -15.63
C MSE D 117 -2.95 10.66 -14.60
O MSE D 117 -2.70 10.90 -13.44
CB MSE D 117 -1.65 12.01 -16.25
CG MSE D 117 -1.67 13.12 -17.30
SE MSE D 117 0.19 13.47 -17.85
CE MSE D 117 0.69 11.64 -18.18
N LEU D 118 -3.17 9.44 -15.06
CA LEU D 118 -3.35 8.32 -14.15
C LEU D 118 -2.39 7.17 -14.48
N MSE D 119 -1.62 6.78 -13.49
CA MSE D 119 -0.75 5.67 -13.67
C MSE D 119 -1.22 4.45 -12.91
O MSE D 119 -1.53 4.51 -11.73
CB MSE D 119 0.69 6.03 -13.34
CG MSE D 119 1.64 4.96 -13.80
SE MSE D 119 3.50 5.40 -13.45
CE MSE D 119 3.44 5.47 -11.48
N VAL D 120 -1.29 3.34 -13.62
CA VAL D 120 -1.66 2.07 -13.05
C VAL D 120 -0.36 1.27 -13.10
N SER D 121 0.13 0.84 -11.93
CA SER D 121 1.33 0.02 -11.91
C SER D 121 1.11 -1.26 -11.16
N VAL D 122 1.46 -2.37 -11.77
CA VAL D 122 1.37 -3.66 -11.12
C VAL D 122 2.81 -4.14 -10.81
N SER D 123 2.99 -4.87 -9.71
CA SER D 123 4.28 -5.44 -9.35
C SER D 123 4.02 -6.76 -8.65
N GLY D 124 4.92 -7.73 -8.79
CA GLY D 124 4.81 -8.98 -8.06
C GLY D 124 6.13 -9.72 -8.19
N THR D 125 6.14 -11.00 -7.81
CA THR D 125 7.35 -11.81 -7.80
C THR D 125 7.17 -12.98 -8.76
N ALA D 126 8.00 -13.04 -9.80
CA ALA D 126 8.02 -14.15 -10.76
C ALA D 126 8.51 -15.44 -10.07
N VAL D 127 7.77 -16.55 -10.24
CA VAL D 127 8.16 -17.84 -9.63
C VAL D 127 7.89 -19.07 -10.52
N LYS D 128 8.69 -20.12 -10.33
CA LYS D 128 8.43 -21.45 -10.87
C LYS D 128 7.72 -22.23 -9.80
N THR D 129 6.68 -22.94 -10.20
CA THR D 129 5.91 -23.76 -9.27
C THR D 129 5.93 -25.25 -9.66
N ARG D 130 5.59 -26.07 -8.67
CA ARG D 130 5.36 -27.49 -8.84
C ARG D 130 4.12 -27.93 -8.05
N ARG D 131 3.19 -28.61 -8.74
CA ARG D 131 2.06 -29.23 -8.08
C ARG D 131 2.55 -30.16 -6.96
N ASN D 132 1.89 -30.11 -5.81
CA ASN D 132 2.27 -30.95 -4.67
C ASN D 132 2.02 -32.46 -4.88
N ILE D 133 1.11 -32.78 -5.80
CA ILE D 133 0.76 -34.16 -6.16
C ILE D 133 1.23 -34.47 -7.59
N MSE E 25 -20.64 -13.39 -0.34
CA MSE E 25 -19.54 -14.42 -0.21
C MSE E 25 -18.45 -13.97 0.78
O MSE E 25 -18.64 -13.00 1.53
CB MSE E 25 -18.92 -14.76 -1.58
CG MSE E 25 -18.63 -13.57 -2.50
SE MSE E 25 -17.09 -13.88 -3.74
CE MSE E 25 -18.07 -14.89 -5.11
N GLN E 26 -17.31 -14.66 0.78
CA GLN E 26 -16.22 -14.34 1.68
C GLN E 26 -15.20 -13.35 1.07
N PHE E 27 -15.05 -12.19 1.70
CA PHE E 27 -14.00 -11.22 1.37
C PHE E 27 -12.99 -11.16 2.51
N SER E 28 -11.70 -11.28 2.20
CA SER E 28 -10.68 -11.11 3.22
C SER E 28 -9.44 -10.36 2.74
N THR E 29 -8.86 -9.55 3.64
CA THR E 29 -7.53 -8.97 3.39
C THR E 29 -6.42 -9.93 3.78
N THR E 30 -6.79 -11.09 4.32
CA THR E 30 -5.81 -12.16 4.52
C THR E 30 -5.62 -12.98 3.24
N PRO E 31 -4.41 -13.52 3.05
CA PRO E 31 -4.11 -14.36 1.90
C PRO E 31 -4.62 -15.80 2.00
N THR E 32 -4.75 -16.34 3.22
CA THR E 32 -5.45 -17.62 3.44
C THR E 32 -6.60 -17.55 4.43
N LEU E 33 -7.41 -18.61 4.49
CA LEU E 33 -8.53 -18.67 5.42
C LEU E 33 -8.39 -19.91 6.27
N GLU E 34 -7.90 -19.73 7.50
CA GLU E 34 -7.74 -20.84 8.44
C GLU E 34 -9.02 -21.64 8.53
N GLY E 35 -8.89 -22.96 8.52
CA GLY E 35 -10.05 -23.83 8.58
C GLY E 35 -10.52 -24.24 7.19
N LEU E 36 -10.02 -23.54 6.18
CA LEU E 36 -10.35 -23.84 4.80
C LEU E 36 -9.08 -24.09 4.05
N THR E 37 -9.21 -24.73 2.91
CA THR E 37 -8.10 -24.88 1.99
C THR E 37 -8.57 -24.30 0.66
N ILE E 38 -7.72 -23.46 0.06
CA ILE E 38 -7.90 -22.96 -1.30
C ILE E 38 -7.56 -24.05 -2.33
N VAL E 39 -8.55 -24.48 -3.11
CA VAL E 39 -8.35 -25.58 -4.07
C VAL E 39 -8.06 -25.06 -5.48
N GLU E 40 -8.44 -23.82 -5.76
CA GLU E 40 -8.08 -23.18 -7.02
C GLU E 40 -7.92 -21.67 -6.89
N TYR E 41 -6.95 -21.14 -7.64
CA TYR E 41 -6.71 -19.70 -7.77
C TYR E 41 -7.26 -19.31 -9.13
N CYS E 42 -8.13 -18.31 -9.16
CA CYS E 42 -8.84 -17.96 -10.38
C CYS E 42 -8.51 -16.54 -10.89
N GLY E 43 -7.38 -15.98 -10.49
CA GLY E 43 -7.00 -14.68 -11.03
C GLY E 43 -7.30 -13.47 -10.17
N VAL E 44 -6.68 -12.36 -10.52
CA VAL E 44 -6.85 -11.12 -9.77
C VAL E 44 -8.13 -10.43 -10.22
N VAL E 45 -8.94 -10.03 -9.24
CA VAL E 45 -10.19 -9.32 -9.52
C VAL E 45 -10.14 -7.88 -8.92
N THR E 46 -10.90 -6.98 -9.50
CA THR E 46 -10.96 -5.58 -9.05
C THR E 46 -12.41 -5.04 -9.01
N GLY E 47 -12.62 -4.01 -8.20
CA GLY E 47 -13.82 -3.22 -8.23
C GLY E 47 -13.49 -1.79 -7.81
N GLU E 48 -14.34 -0.85 -8.20
CA GLU E 48 -14.08 0.54 -7.87
C GLU E 48 -15.29 1.43 -8.07
N ALA E 49 -15.22 2.59 -7.42
CA ALA E 49 -16.23 3.60 -7.57
C ALA E 49 -15.55 4.96 -7.50
N ILE E 50 -16.15 5.93 -8.16
CA ILE E 50 -15.62 7.28 -8.16
C ILE E 50 -16.63 8.21 -7.52
N LEU E 51 -16.16 9.01 -6.56
CA LEU E 51 -16.97 10.05 -5.95
C LEU E 51 -16.69 11.35 -6.72
N GLY E 52 -17.74 11.94 -7.29
CA GLY E 52 -17.61 13.12 -8.12
C GLY E 52 -17.38 14.40 -7.35
N ALA E 53 -16.92 15.43 -8.04
CA ALA E 53 -16.59 16.72 -7.38
C ALA E 53 -17.73 17.32 -6.55
N ASN E 54 -18.98 17.13 -7.00
CA ASN E 54 -20.17 17.62 -6.32
C ASN E 54 -20.38 17.00 -4.91
N ILE E 55 -20.10 15.70 -4.77
CA ILE E 55 -20.15 15.00 -3.47
C ILE E 55 -19.04 15.56 -2.58
N PHE E 56 -17.86 15.71 -3.18
CA PHE E 56 -16.75 16.31 -2.45
C PHE E 56 -17.08 17.71 -1.92
N ARG E 57 -17.49 18.61 -2.80
CA ARG E 57 -17.95 19.94 -2.34
C ARG E 57 -19.02 19.84 -1.27
N ASP E 58 -20.01 18.98 -1.44
CA ASP E 58 -21.15 18.98 -0.52
C ASP E 58 -20.90 18.29 0.84
N PHE E 59 -19.89 17.44 0.94
CA PHE E 59 -19.72 16.61 2.15
C PHE E 59 -18.32 16.67 2.78
N PHE E 60 -17.30 16.93 1.97
CA PHE E 60 -15.92 16.88 2.41
C PHE E 60 -15.30 18.25 2.59
N ALA E 61 -15.61 19.20 1.69
CA ALA E 61 -14.89 20.47 1.67
C ALA E 61 -15.10 21.32 2.93
N GLY E 62 -16.25 21.18 3.58
CA GLY E 62 -16.49 22.00 4.75
C GLY E 62 -15.93 21.52 6.08
N ILE E 63 -15.23 20.38 6.11
CA ILE E 63 -14.95 19.73 7.40
C ILE E 63 -14.02 20.60 8.21
N ARG E 64 -14.35 20.71 9.49
CA ARG E 64 -13.56 21.48 10.42
C ARG E 64 -13.13 20.54 11.53
N ASP E 65 -11.95 20.78 12.06
CA ASP E 65 -11.41 19.97 13.15
C ASP E 65 -11.18 18.51 12.70
N ILE E 66 -11.34 17.54 13.59
CA ILE E 66 -11.17 16.14 13.18
C ILE E 66 -12.51 15.43 13.23
N VAL E 67 -12.93 14.86 12.10
CA VAL E 67 -14.27 14.25 12.01
C VAL E 67 -14.20 12.78 11.60
N GLY E 68 -14.71 11.90 12.47
CA GLY E 68 -14.65 10.48 12.23
C GLY E 68 -15.85 9.96 11.47
N GLY E 69 -15.71 8.76 10.92
CA GLY E 69 -16.79 8.18 10.14
C GLY E 69 -18.06 8.03 10.94
N ARG E 70 -17.93 7.66 12.21
CA ARG E 70 -19.12 7.51 13.06
C ARG E 70 -20.04 8.72 13.02
N SER E 71 -19.48 9.92 12.97
CA SER E 71 -20.29 11.14 13.08
C SER E 71 -20.38 11.96 11.79
N GLY E 72 -19.45 11.77 10.86
CA GLY E 72 -19.35 12.65 9.70
C GLY E 72 -20.33 12.30 8.60
N ALA E 73 -20.88 13.33 7.94
CA ALA E 73 -21.85 13.09 6.88
C ALA E 73 -21.17 12.51 5.65
N TYR E 74 -19.87 12.77 5.51
CA TYR E 74 -19.09 12.22 4.41
C TYR E 74 -19.08 10.68 4.42
N GLU E 75 -19.27 10.12 5.62
CA GLU E 75 -19.16 8.68 5.80
C GLU E 75 -20.16 7.85 4.99
N LYS E 76 -21.42 8.27 4.93
CA LYS E 76 -22.38 7.49 4.15
C LYS E 76 -21.97 7.46 2.67
N GLU E 77 -21.27 8.49 2.22
CA GLU E 77 -20.75 8.58 0.85
C GLU E 77 -19.64 7.57 0.58
N LEU E 78 -18.65 7.53 1.49
CA LEU E 78 -17.53 6.61 1.37
C LEU E 78 -18.05 5.19 1.47
N ARG E 79 -18.96 4.96 2.40
CA ARG E 79 -19.61 3.66 2.60
C ARG E 79 -20.30 3.20 1.32
N LYS E 80 -21.04 4.11 0.70
CA LYS E 80 -21.70 3.81 -0.57
C LYS E 80 -20.71 3.46 -1.68
N ALA E 81 -19.64 4.24 -1.80
CA ALA E 81 -18.60 3.93 -2.80
C ALA E 81 -17.98 2.55 -2.55
N ARG E 82 -17.68 2.26 -1.27
CA ARG E 82 -17.10 0.96 -0.91
C ARG E 82 -18.04 -0.18 -1.31
N GLU E 83 -19.33 -0.02 -1.05
CA GLU E 83 -20.34 -1.04 -1.36
C GLU E 83 -20.39 -1.34 -2.87
N ILE E 84 -20.45 -0.30 -3.71
CA ILE E 84 -20.42 -0.46 -5.16
C ILE E 84 -19.16 -1.19 -5.64
N ALA E 85 -18.01 -0.77 -5.12
CA ALA E 85 -16.77 -1.42 -5.46
C ALA E 85 -16.73 -2.92 -5.09
N PHE E 86 -17.13 -3.25 -3.87
CA PHE E 86 -17.18 -4.64 -3.39
C PHE E 86 -18.19 -5.51 -4.17
N GLU E 87 -19.33 -4.93 -4.56
CA GLU E 87 -20.30 -5.58 -5.43
C GLU E 87 -19.67 -5.98 -6.76
N GLU E 88 -18.94 -5.05 -7.36
CA GLU E 88 -18.24 -5.26 -8.63
C GLU E 88 -17.17 -6.33 -8.47
N LEU E 89 -16.43 -6.22 -7.37
CA LEU E 89 -15.45 -7.23 -7.03
C LEU E 89 -16.13 -8.61 -6.88
N GLY E 90 -17.23 -8.62 -6.14
CA GLY E 90 -18.08 -9.79 -5.90
C GLY E 90 -18.53 -10.51 -7.17
N SER E 91 -19.18 -9.80 -8.07
CA SER E 91 -19.69 -10.42 -9.29
C SER E 91 -18.60 -10.84 -10.24
N GLN E 92 -17.50 -10.09 -10.27
CA GLN E 92 -16.31 -10.49 -11.01
C GLN E 92 -15.79 -11.85 -10.56
N ALA E 93 -15.69 -12.03 -9.24
CA ALA E 93 -15.33 -13.34 -8.67
C ALA E 93 -16.34 -14.44 -9.03
N ARG E 94 -17.63 -14.12 -8.95
CA ARG E 94 -18.71 -15.10 -9.22
C ARG E 94 -18.59 -15.62 -10.64
N ALA E 95 -18.39 -14.71 -11.59
CA ALA E 95 -18.29 -15.05 -13.01
C ALA E 95 -17.16 -16.03 -13.29
N LEU E 96 -16.11 -16.00 -12.46
CA LEU E 96 -14.98 -16.93 -12.60
C LEU E 96 -15.18 -18.29 -11.91
N GLY E 97 -16.32 -18.49 -11.27
CA GLY E 97 -16.54 -19.72 -10.51
C GLY E 97 -16.09 -19.66 -9.05
N ALA E 98 -15.56 -18.52 -8.62
CA ALA E 98 -14.94 -18.39 -7.31
C ALA E 98 -15.95 -18.25 -6.18
N ASP E 99 -15.63 -18.75 -5.00
CA ASP E 99 -16.52 -18.53 -3.87
C ASP E 99 -15.95 -17.57 -2.80
N ALA E 100 -14.75 -17.04 -3.03
CA ALA E 100 -14.10 -16.11 -2.10
C ALA E 100 -13.04 -15.25 -2.78
N VAL E 101 -12.79 -14.06 -2.22
CA VAL E 101 -11.76 -13.16 -2.68
C VAL E 101 -10.88 -12.87 -1.48
N VAL E 102 -9.62 -13.30 -1.57
CA VAL E 102 -8.63 -13.16 -0.51
C VAL E 102 -7.56 -12.17 -0.94
N GLY E 103 -6.62 -11.90 -0.04
CA GLY E 103 -5.53 -10.97 -0.29
C GLY E 103 -6.02 -9.61 -0.75
N ILE E 104 -7.12 -9.14 -0.16
CA ILE E 104 -7.76 -7.92 -0.64
C ILE E 104 -7.01 -6.67 -0.17
N ASP E 105 -6.99 -5.68 -1.04
CA ASP E 105 -6.45 -4.33 -0.80
C ASP E 105 -7.52 -3.29 -1.16
N ILE E 106 -7.68 -2.27 -0.32
CA ILE E 106 -8.48 -1.09 -0.66
C ILE E 106 -7.59 0.16 -0.75
N ASP E 107 -7.70 0.91 -1.82
CA ASP E 107 -6.94 2.14 -1.94
C ASP E 107 -7.89 3.28 -2.26
N TYR E 108 -7.60 4.45 -1.72
CA TYR E 108 -8.29 5.69 -2.01
C TYR E 108 -7.30 6.55 -2.73
N GLU E 109 -7.67 7.07 -3.90
CA GLU E 109 -6.83 8.00 -4.63
C GLU E 109 -7.63 9.25 -5.02
N THR E 110 -7.13 10.40 -4.59
CA THR E 110 -7.67 11.68 -4.99
C THR E 110 -7.25 11.92 -6.45
N VAL E 111 -8.22 12.18 -7.31
CA VAL E 111 -7.94 12.44 -8.73
C VAL E 111 -8.52 13.77 -9.17
N GLY E 112 -8.06 14.27 -10.32
CA GLY E 112 -8.64 15.45 -10.92
C GLY E 112 -7.96 16.77 -10.63
N GLN E 113 -8.45 17.79 -11.32
CA GLN E 113 -7.96 19.16 -11.34
C GLN E 113 -7.93 19.91 -10.01
N ASN E 114 -8.88 19.59 -9.14
CA ASN E 114 -9.00 20.33 -7.90
C ASN E 114 -8.82 19.44 -6.67
N GLY E 115 -8.13 18.32 -6.86
CA GLY E 115 -8.04 17.27 -5.85
C GLY E 115 -9.38 16.96 -5.18
N SER E 116 -10.48 17.09 -5.93
CA SER E 116 -11.85 17.02 -5.39
C SER E 116 -12.66 15.82 -5.88
N MSE E 117 -12.00 14.92 -6.58
CA MSE E 117 -12.61 13.62 -6.83
C MSE E 117 -11.82 12.51 -6.12
O MSE E 117 -10.61 12.58 -5.98
CB MSE E 117 -12.70 13.36 -8.32
CG MSE E 117 -13.41 14.49 -9.06
SE MSE E 117 -13.11 14.32 -11.00
CE MSE E 117 -13.87 12.52 -11.18
N LEU E 118 -12.56 11.51 -5.66
CA LEU E 118 -11.98 10.41 -4.95
C LEU E 118 -12.33 9.08 -5.60
N MSE E 119 -11.30 8.33 -5.96
CA MSE E 119 -11.47 6.96 -6.39
C MSE E 119 -11.23 5.97 -5.25
O MSE E 119 -10.23 6.02 -4.60
CB MSE E 119 -10.56 6.66 -7.57
CG MSE E 119 -10.79 5.32 -8.22
SE MSE E 119 -9.96 5.18 -10.01
CE MSE E 119 -8.31 6.21 -9.75
N VAL E 120 -12.16 5.04 -5.05
CA VAL E 120 -12.00 3.93 -4.12
C VAL E 120 -11.80 2.66 -4.95
N SER E 121 -10.67 1.99 -4.79
CA SER E 121 -10.40 0.77 -5.57
C SER E 121 -10.17 -0.41 -4.67
N VAL E 122 -10.75 -1.54 -5.04
CA VAL E 122 -10.50 -2.77 -4.32
C VAL E 122 -9.99 -3.77 -5.33
N SER E 123 -9.00 -4.56 -4.93
CA SER E 123 -8.51 -5.70 -5.72
C SER E 123 -8.25 -6.85 -4.74
N GLY E 124 -8.18 -8.05 -5.27
CA GLY E 124 -7.99 -9.27 -4.51
C GLY E 124 -7.86 -10.42 -5.49
N THR E 125 -7.76 -11.64 -4.96
CA THR E 125 -7.55 -12.82 -5.78
C THR E 125 -8.77 -13.70 -5.59
N ALA E 126 -9.46 -14.01 -6.68
CA ALA E 126 -10.63 -14.88 -6.63
C ALA E 126 -10.19 -16.35 -6.48
N VAL E 127 -10.84 -17.07 -5.55
CA VAL E 127 -10.46 -18.45 -5.23
C VAL E 127 -11.68 -19.38 -5.00
N LYS E 128 -11.47 -20.67 -5.21
CA LYS E 128 -12.38 -21.71 -4.76
C LYS E 128 -11.84 -22.34 -3.46
N THR E 129 -12.70 -22.54 -2.47
CA THR E 129 -12.22 -23.09 -1.21
C THR E 129 -12.92 -24.40 -0.86
N ARG E 130 -12.33 -25.12 0.08
CA ARG E 130 -12.91 -26.34 0.58
C ARG E 130 -12.75 -26.37 2.10
N ARG E 131 -13.88 -26.41 2.81
CA ARG E 131 -13.87 -26.69 4.23
C ARG E 131 -13.02 -27.93 4.61
N ASN E 132 -12.10 -27.74 5.56
CA ASN E 132 -11.22 -28.80 6.10
C ASN E 132 -11.96 -29.91 6.88
N ILE E 133 -13.19 -29.67 7.31
CA ILE E 133 -14.04 -30.66 8.02
C ILE E 133 -15.33 -31.04 7.26
#